data_5GM9
#
_entry.id   5GM9
#
_cell.length_a   46.337
_cell.length_b   54.315
_cell.length_c   84.848
_cell.angle_alpha   90.000
_cell.angle_beta   90.000
_cell.angle_gamma   90.000
#
_symmetry.space_group_name_H-M   'P 21 21 21'
#
loop_
_entity.id
_entity.type
_entity.pdbx_description
1 polymer 'Glycoside hydrolase family 45 protein'
2 branched beta-D-glucopyranose-(1-4)-alpha-D-glucopyranose
3 branched beta-D-glucopyranose-(1-4)-beta-D-glucopyranose
4 water water
#
_entity_poly.entity_id   1
_entity_poly.type   'polypeptide(L)'
_entity_poly.pdbx_seq_one_letter_code
;ASGSGQSTRYWDCCKPSCAWPGKAAVSQPVYACDANFQRLSDFNVQSGCNGGSAYSCADQTPWAVNDNLAYGFAATSIAG
GSESSWCCACYALTFTSGPVAGKTMVVQSTSTGGDLGSNQFDIAMPGGGVGIFNGCSSQFGGLPGAQYGGISSRDQCDSF
PAPLKPGCQWRFDWFQNADNPTFTFQQVQCPAEIVARSGCKRNDDSSFPVFTP
;
_entity_poly.pdbx_strand_id   A
#
# COMPACT_ATOMS: atom_id res chain seq x y z
N ALA A 1 6.60 -14.39 9.13
CA ALA A 1 7.69 -13.38 9.19
C ALA A 1 7.62 -12.50 10.47
N SER A 2 8.79 -12.22 11.02
CA SER A 2 8.92 -10.99 11.79
C SER A 2 10.26 -10.36 11.51
N GLY A 3 10.47 -9.18 12.07
CA GLY A 3 11.76 -8.59 11.97
C GLY A 3 11.77 -7.09 12.04
N SER A 4 12.86 -6.53 11.55
CA SER A 4 13.06 -5.10 11.48
C SER A 4 12.86 -4.69 10.04
N GLY A 5 12.45 -3.45 9.80
CA GLY A 5 12.36 -2.94 8.45
C GLY A 5 12.59 -1.45 8.32
N GLN A 6 12.72 -1.05 7.08
CA GLN A 6 12.83 0.34 6.63
C GLN A 6 11.58 0.67 5.84
N SER A 7 11.07 1.88 5.99
CA SER A 7 9.90 2.33 5.23
C SER A 7 10.20 3.42 4.27
N THR A 8 9.41 3.47 3.20
CA THR A 8 9.29 4.61 2.32
C THR A 8 7.81 4.86 2.09
N ARG A 9 7.46 5.81 1.23
CA ARG A 9 6.08 6.11 0.91
C ARG A 9 5.90 6.21 -0.57
N TYR A 10 4.74 5.86 -1.10
CA TYR A 10 4.56 5.85 -2.55
C TYR A 10 3.08 5.93 -2.93
N TRP A 11 2.81 6.40 -4.14
CA TRP A 11 1.58 6.12 -4.85
C TRP A 11 1.87 6.38 -6.31
N ASP A 12 1.85 5.34 -7.12
CA ASP A 12 2.19 5.44 -8.55
C ASP A 12 1.03 5.20 -9.50
N CYS A 13 -0.13 4.84 -8.96
CA CYS A 13 -1.31 4.49 -9.75
C CYS A 13 -1.25 3.18 -10.51
N CYS A 14 -0.14 2.49 -10.52
CA CYS A 14 0.01 1.29 -11.33
C CYS A 14 -0.83 0.17 -10.80
N LYS A 15 -1.23 -0.75 -11.68
CA LYS A 15 -1.81 -1.99 -11.20
C LYS A 15 -0.89 -2.68 -10.21
N PRO A 16 -1.35 -2.99 -8.99
CA PRO A 16 -0.43 -3.61 -8.03
C PRO A 16 0.01 -5.00 -8.51
N SER A 17 1.21 -5.42 -8.12
CA SER A 17 1.69 -6.70 -8.60
C SER A 17 0.82 -7.86 -8.14
N CYS A 18 0.28 -7.75 -6.93
CA CYS A 18 -0.57 -8.85 -6.39
C CYS A 18 -1.99 -8.82 -6.93
N ALA A 19 -2.28 -7.91 -7.84
CA ALA A 19 -3.56 -7.89 -8.54
C ALA A 19 -3.60 -8.86 -9.72
N TRP A 20 -2.47 -9.52 -9.98
CA TRP A 20 -2.41 -10.56 -11.04
C TRP A 20 -2.75 -11.90 -10.46
N PRO A 21 -3.47 -12.77 -11.20
CA PRO A 21 -3.64 -14.14 -10.80
C PRO A 21 -2.32 -14.88 -10.76
N GLY A 22 -2.27 -15.90 -9.93
CA GLY A 22 -1.13 -16.78 -9.93
C GLY A 22 0.09 -16.31 -9.18
N LYS A 23 0.02 -15.17 -8.51
CA LYS A 23 1.15 -14.63 -7.75
C LYS A 23 1.33 -15.34 -6.42
N ALA A 24 0.26 -15.86 -5.90
CA ALA A 24 0.25 -16.56 -4.59
C ALA A 24 -1.03 -17.35 -4.50
N ALA A 25 -1.11 -18.24 -3.52
CA ALA A 25 -2.29 -19.04 -3.28
C ALA A 25 -3.26 -18.23 -2.42
N VAL A 26 -4.26 -17.63 -3.08
CA VAL A 26 -5.17 -16.64 -2.48
C VAL A 26 -6.61 -16.95 -2.88
N SER A 27 -7.55 -16.39 -2.16
CA SER A 27 -8.99 -16.47 -2.48
C SER A 27 -9.25 -15.91 -3.88
N GLN A 28 -8.68 -14.73 -4.15
CA GLN A 28 -8.75 -14.01 -5.41
C GLN A 28 -7.64 -12.98 -5.33
N PRO A 29 -7.15 -12.49 -6.46
CA PRO A 29 -6.12 -11.45 -6.43
C PRO A 29 -6.67 -10.13 -5.94
N VAL A 30 -5.77 -9.20 -5.68
CA VAL A 30 -6.14 -7.82 -5.38
C VAL A 30 -6.92 -7.19 -6.53
N TYR A 31 -8.02 -6.50 -6.21
CA TYR A 31 -8.73 -5.77 -7.25
C TYR A 31 -7.89 -4.72 -7.89
N ALA A 32 -8.02 -4.56 -9.20
CA ALA A 32 -7.57 -3.37 -9.89
C ALA A 32 -8.77 -2.58 -10.38
N CYS A 33 -8.53 -1.35 -10.75
CA CYS A 33 -9.58 -0.44 -11.15
C CYS A 33 -9.31 0.20 -12.48
N ASP A 34 -10.37 0.68 -13.13
CA ASP A 34 -10.18 1.50 -14.31
C ASP A 34 -9.70 2.92 -13.95
N ALA A 35 -9.57 3.79 -14.95
CA ALA A 35 -9.00 5.10 -14.68
C ALA A 35 -9.96 5.95 -13.85
N ASN A 36 -11.23 5.58 -13.83
CA ASN A 36 -12.24 6.25 -13.01
C ASN A 36 -12.46 5.62 -11.66
N PHE A 37 -11.49 4.82 -11.20
CA PHE A 37 -11.50 4.26 -9.89
C PHE A 37 -12.63 3.25 -9.66
N GLN A 38 -13.11 2.64 -10.74
CA GLN A 38 -14.13 1.59 -10.66
C GLN A 38 -13.44 0.22 -10.70
N ARG A 39 -13.82 -0.69 -9.83
CA ARG A 39 -13.27 -2.01 -9.84
C ARG A 39 -13.47 -2.74 -11.15
N LEU A 40 -12.45 -3.45 -11.61
CA LEU A 40 -12.50 -4.35 -12.76
C LEU A 40 -12.90 -5.74 -12.31
N SER A 41 -13.69 -6.44 -13.12
CA SER A 41 -14.00 -7.83 -12.79
C SER A 41 -13.01 -8.82 -13.38
N ASP A 42 -12.21 -8.38 -14.32
CA ASP A 42 -11.19 -9.19 -15.01
C ASP A 42 -9.83 -8.86 -14.37
N PHE A 43 -9.21 -9.85 -13.73
CA PHE A 43 -7.90 -9.71 -13.03
C PHE A 43 -6.68 -9.72 -13.96
N ASN A 44 -6.90 -9.91 -15.26
CA ASN A 44 -5.87 -9.95 -16.22
C ASN A 44 -5.73 -8.74 -17.11
N VAL A 45 -6.27 -7.63 -16.66
CA VAL A 45 -6.21 -6.42 -17.47
C VAL A 45 -4.83 -5.81 -17.40
N GLN A 46 -4.30 -5.41 -18.54
CA GLN A 46 -2.99 -4.84 -18.67
C GLN A 46 -2.85 -3.60 -17.77
N SER A 47 -1.70 -3.43 -17.13
CA SER A 47 -1.49 -2.29 -16.27
C SER A 47 -1.43 -0.99 -17.07
N GLY A 48 -1.99 0.07 -16.51
CA GLY A 48 -1.83 1.40 -17.06
C GLY A 48 -0.43 1.93 -17.08
N CYS A 49 0.48 1.33 -16.32
CA CYS A 49 1.89 1.68 -16.39
C CYS A 49 2.59 0.94 -17.50
N ASN A 50 1.86 0.11 -18.24
CA ASN A 50 2.46 -0.68 -19.35
C ASN A 50 1.60 -0.60 -20.62
N GLY A 51 0.90 0.51 -20.78
CA GLY A 51 0.12 0.79 -21.96
C GLY A 51 -1.32 0.28 -21.90
N GLY A 52 -1.75 -0.21 -20.73
CA GLY A 52 -3.10 -0.74 -20.61
C GLY A 52 -3.97 0.18 -19.81
N SER A 53 -5.00 -0.38 -19.16
CA SER A 53 -6.08 0.39 -18.60
C SER A 53 -6.40 0.07 -17.13
N ALA A 54 -5.56 -0.74 -16.47
CA ALA A 54 -5.75 -1.10 -15.04
C ALA A 54 -4.81 -0.34 -14.10
N TYR A 55 -5.41 0.21 -13.07
CA TYR A 55 -4.76 1.10 -12.14
C TYR A 55 -5.04 0.66 -10.72
N SER A 56 -4.34 1.27 -9.79
CA SER A 56 -4.60 1.04 -8.38
C SER A 56 -5.92 1.62 -7.92
N CYS A 57 -6.68 0.86 -7.16
CA CYS A 57 -7.93 1.36 -6.61
C CYS A 57 -7.69 2.35 -5.48
N ALA A 58 -8.59 3.33 -5.42
CA ALA A 58 -8.51 4.37 -4.39
C ALA A 58 -8.90 3.92 -3.02
N ASP A 59 -9.64 2.83 -2.90
CA ASP A 59 -9.95 2.30 -1.58
C ASP A 59 -8.82 1.48 -0.96
N GLN A 60 -7.76 1.20 -1.72
CA GLN A 60 -6.58 0.54 -1.17
C GLN A 60 -5.59 1.61 -0.69
N THR A 61 -6.13 2.40 0.23
CA THR A 61 -5.47 3.54 0.83
C THR A 61 -5.54 3.42 2.33
N PRO A 62 -4.66 4.10 3.04
CA PRO A 62 -4.58 3.99 4.49
C PRO A 62 -5.66 4.78 5.19
N TRP A 63 -6.00 4.35 6.40
CA TRP A 63 -6.93 5.12 7.24
C TRP A 63 -6.63 4.87 8.70
N ALA A 64 -7.07 5.84 9.53
CA ALA A 64 -6.95 5.76 10.99
C ALA A 64 -8.07 4.94 11.59
N VAL A 65 -7.72 3.95 12.39
CA VAL A 65 -8.67 3.26 13.25
C VAL A 65 -8.79 4.06 14.53
N ASN A 66 -7.69 4.41 15.14
CA ASN A 66 -7.68 5.35 16.29
C ASN A 66 -6.34 6.09 16.25
N ASP A 67 -6.02 6.96 17.19
CA ASP A 67 -4.78 7.72 17.11
C ASP A 67 -3.52 6.85 17.12
N ASN A 68 -3.61 5.65 17.64
CA ASN A 68 -2.42 4.79 17.76
C ASN A 68 -2.43 3.62 16.77
N LEU A 69 -3.46 3.51 15.95
CA LEU A 69 -3.62 2.34 15.06
C LEU A 69 -4.15 2.78 13.72
N ALA A 70 -3.42 2.44 12.64
CA ALA A 70 -3.90 2.63 11.27
C ALA A 70 -3.90 1.30 10.55
N TYR A 71 -4.74 1.25 9.53
CA TYR A 71 -4.80 0.12 8.58
C TYR A 71 -4.44 0.66 7.19
N GLY A 72 -3.81 -0.18 6.36
CA GLY A 72 -3.52 0.24 5.00
C GLY A 72 -2.82 -0.86 4.25
N PHE A 73 -2.00 -0.40 3.27
CA PHE A 73 -1.44 -1.22 2.19
C PHE A 73 0.00 -0.87 1.95
N ALA A 74 0.78 -1.82 1.45
CA ALA A 74 2.16 -1.55 1.12
C ALA A 74 2.62 -2.37 -0.05
N ALA A 75 3.71 -1.90 -0.67
CA ALA A 75 4.54 -2.74 -1.52
C ALA A 75 5.71 -3.22 -0.68
N THR A 76 6.10 -4.48 -0.80
CA THR A 76 7.08 -5.07 0.11
C THR A 76 8.15 -5.85 -0.65
N SER A 77 9.31 -5.95 -0.04
CA SER A 77 10.29 -7.00 -0.35
C SER A 77 10.68 -7.59 0.98
N ILE A 78 10.31 -8.83 1.24
CA ILE A 78 10.56 -9.47 2.53
C ILE A 78 11.75 -10.40 2.37
N ALA A 79 12.77 -10.23 3.20
CA ALA A 79 13.99 -11.06 3.13
C ALA A 79 13.64 -12.51 3.32
N GLY A 80 14.22 -13.31 2.44
CA GLY A 80 13.93 -14.73 2.43
C GLY A 80 12.60 -15.14 1.83
N GLY A 81 11.79 -14.17 1.42
CA GLY A 81 10.49 -14.42 0.80
C GLY A 81 10.44 -14.17 -0.67
N SER A 82 9.22 -14.23 -1.18
CA SER A 82 8.92 -13.98 -2.58
C SER A 82 7.50 -13.49 -2.69
N GLU A 83 7.06 -13.11 -3.87
CA GLU A 83 5.65 -12.79 -4.03
C GLU A 83 4.76 -13.91 -3.57
N SER A 84 5.16 -15.16 -3.80
CA SER A 84 4.39 -16.26 -3.38
C SER A 84 4.10 -16.27 -1.86
N SER A 85 5.07 -15.82 -1.10
CA SER A 85 4.93 -15.79 0.35
C SER A 85 4.42 -14.47 0.93
N TRP A 86 4.53 -13.34 0.23
CA TRP A 86 4.09 -12.05 0.77
C TRP A 86 2.83 -11.53 0.14
N CYS A 87 2.44 -11.93 -1.08
CA CYS A 87 1.30 -11.29 -1.67
C CYS A 87 0.05 -11.48 -0.81
N CYS A 88 -0.63 -10.38 -0.50
CA CYS A 88 -1.83 -10.37 0.32
C CYS A 88 -1.61 -10.77 1.76
N ALA A 89 -0.37 -10.88 2.21
CA ALA A 89 -0.09 -11.10 3.61
C ALA A 89 -0.25 -9.76 4.34
N CYS A 90 -0.66 -9.83 5.61
CA CYS A 90 -0.68 -8.67 6.46
C CYS A 90 0.41 -8.70 7.50
N TYR A 91 0.85 -7.49 7.86
CA TYR A 91 1.97 -7.27 8.78
C TYR A 91 1.58 -6.16 9.74
N ALA A 92 1.81 -6.37 11.03
CA ALA A 92 1.64 -5.31 12.02
C ALA A 92 2.97 -4.62 12.16
N LEU A 93 3.03 -3.36 11.77
CA LEU A 93 4.25 -2.55 11.89
C LEU A 93 4.16 -1.75 13.19
N THR A 94 5.19 -1.78 13.99
CA THR A 94 5.30 -0.91 15.17
C THR A 94 6.43 0.05 14.93
N PHE A 95 6.11 1.31 14.72
CA PHE A 95 7.15 2.25 14.33
C PHE A 95 8.16 2.49 15.45
N THR A 96 9.41 2.65 15.07
CA THR A 96 10.51 2.80 16.03
C THR A 96 11.27 4.11 15.84
N SER A 97 10.79 5.01 14.99
CA SER A 97 11.38 6.35 14.86
C SER A 97 10.29 7.29 14.37
N GLY A 98 10.62 8.56 14.35
CA GLY A 98 9.72 9.60 13.89
C GLY A 98 8.61 9.94 14.84
N PRO A 99 7.69 10.79 14.36
CA PRO A 99 6.60 11.21 15.21
C PRO A 99 5.56 10.13 15.48
N VAL A 100 5.63 9.04 14.71
CA VAL A 100 4.77 7.89 14.89
C VAL A 100 5.36 6.77 15.73
N ALA A 101 6.55 7.00 16.31
CA ALA A 101 7.19 5.97 17.11
C ALA A 101 6.24 5.45 18.14
N GLY A 102 6.12 4.15 18.21
CA GLY A 102 5.26 3.48 19.16
C GLY A 102 3.86 3.21 18.67
N LYS A 103 3.43 3.86 17.59
CA LYS A 103 2.12 3.58 16.96
C LYS A 103 2.24 2.33 16.10
N THR A 104 1.09 1.75 15.82
CA THR A 104 0.96 0.53 15.05
C THR A 104 0.19 0.79 13.78
N MET A 105 0.68 0.22 12.68
CA MET A 105 -0.05 0.20 11.43
C MET A 105 -0.09 -1.20 10.91
N VAL A 106 -1.27 -1.73 10.61
CA VAL A 106 -1.36 -3.07 10.00
C VAL A 106 -1.55 -2.83 8.50
N VAL A 107 -0.63 -3.36 7.71
CA VAL A 107 -0.65 -3.22 6.25
C VAL A 107 -0.78 -4.55 5.60
N GLN A 108 -1.50 -4.58 4.51
CA GLN A 108 -1.49 -5.73 3.58
C GLN A 108 -0.54 -5.43 2.45
N SER A 109 0.33 -6.39 2.15
CA SER A 109 1.19 -6.31 0.95
C SER A 109 0.37 -6.56 -0.29
N THR A 110 0.37 -5.61 -1.23
CA THR A 110 -0.30 -5.74 -2.47
C THR A 110 0.62 -5.63 -3.66
N SER A 111 1.89 -5.33 -3.45
CA SER A 111 2.78 -5.14 -4.56
C SER A 111 4.22 -5.26 -4.11
N THR A 112 5.13 -4.97 -5.06
CA THR A 112 6.57 -4.99 -4.83
C THR A 112 7.22 -4.07 -5.81
N GLY A 113 8.54 -4.01 -5.80
CA GLY A 113 9.26 -3.22 -6.81
C GLY A 113 10.69 -3.66 -6.78
N GLY A 114 11.36 -3.42 -7.91
CA GLY A 114 12.76 -3.78 -8.03
C GLY A 114 13.70 -2.86 -7.28
N ASP A 115 13.23 -1.69 -6.88
CA ASP A 115 14.02 -0.77 -6.09
C ASP A 115 13.86 -0.94 -4.59
N LEU A 116 13.11 -1.94 -4.13
CA LEU A 116 12.94 -2.14 -2.69
C LEU A 116 14.05 -3.00 -2.11
N GLY A 117 14.58 -2.57 -0.99
CA GLY A 117 15.57 -3.34 -0.25
C GLY A 117 14.96 -4.42 0.59
N SER A 118 15.78 -5.13 1.34
CA SER A 118 15.37 -6.24 2.17
C SER A 118 14.52 -5.74 3.34
N ASN A 119 13.35 -6.34 3.55
CA ASN A 119 12.42 -5.89 4.55
C ASN A 119 12.01 -4.44 4.38
N GLN A 120 12.02 -3.93 3.20
CA GLN A 120 11.51 -2.58 2.95
C GLN A 120 10.02 -2.63 2.63
N PHE A 121 9.29 -1.78 3.35
CA PHE A 121 7.86 -1.57 3.13
C PHE A 121 7.70 -0.20 2.55
N ASP A 122 7.16 -0.13 1.33
CA ASP A 122 6.80 1.11 0.65
C ASP A 122 5.33 1.31 0.99
N ILE A 123 5.04 2.19 1.93
CA ILE A 123 3.69 2.33 2.46
C ILE A 123 2.89 3.19 1.50
N ALA A 124 1.73 2.68 1.03
CA ALA A 124 0.94 3.38 0.04
C ALA A 124 0.27 4.59 0.68
N MET A 125 0.40 5.74 0.07
CA MET A 125 -0.37 6.91 0.45
C MET A 125 -0.38 7.84 -0.74
N PRO A 126 -1.52 8.19 -1.31
CA PRO A 126 -1.55 9.14 -2.41
C PRO A 126 -0.75 10.37 -2.07
N GLY A 127 0.12 10.76 -2.98
CA GLY A 127 1.00 11.89 -2.74
C GLY A 127 2.28 11.55 -2.02
N GLY A 128 2.56 10.28 -1.84
CA GLY A 128 3.86 9.84 -1.34
C GLY A 128 4.96 9.79 -2.39
N GLY A 129 4.59 9.84 -3.64
CA GLY A 129 5.55 9.87 -4.76
C GLY A 129 5.37 8.74 -5.71
N VAL A 130 5.38 9.01 -7.01
CA VAL A 130 5.28 7.99 -8.01
C VAL A 130 6.52 7.12 -8.19
N GLY A 131 7.69 7.66 -7.88
CA GLY A 131 8.90 6.86 -8.09
C GLY A 131 9.30 6.71 -9.56
N ILE A 132 9.62 5.48 -9.96
CA ILE A 132 10.22 5.24 -11.26
C ILE A 132 9.21 5.45 -12.37
N PHE A 133 7.99 4.98 -12.19
CA PHE A 133 6.96 5.01 -13.23
C PHE A 133 5.85 5.99 -12.81
N ASN A 134 5.57 6.99 -13.63
CA ASN A 134 4.42 7.86 -13.40
C ASN A 134 3.10 7.32 -13.98
N GLY A 135 2.47 6.32 -13.32
CA GLY A 135 1.20 5.80 -13.79
C GLY A 135 0.06 6.82 -13.73
N CYS A 136 0.19 7.73 -12.78
CA CYS A 136 -0.84 8.72 -12.56
C CYS A 136 -1.00 9.69 -13.74
N SER A 137 0.10 9.88 -14.47
CA SER A 137 0.08 10.65 -15.72
C SER A 137 -0.93 10.08 -16.69
N SER A 138 -0.86 8.78 -17.04
CA SER A 138 -1.84 8.25 -17.94
C SER A 138 -3.23 8.07 -17.35
N GLN A 139 -3.32 7.85 -16.01
CA GLN A 139 -4.61 7.69 -15.40
C GLN A 139 -5.47 8.95 -15.49
N PHE A 140 -4.88 10.07 -15.09
CA PHE A 140 -5.69 11.31 -14.97
C PHE A 140 -4.85 12.55 -15.14
N GLY A 141 -3.66 12.43 -15.73
CA GLY A 141 -2.84 13.63 -16.00
C GLY A 141 -1.83 13.98 -14.91
N GLY A 142 -1.63 13.12 -13.91
CA GLY A 142 -0.58 13.31 -12.95
C GLY A 142 -1.07 13.79 -11.59
N LEU A 143 -0.28 13.48 -10.56
CA LEU A 143 -0.49 14.03 -9.22
C LEU A 143 0.53 15.11 -8.92
N PRO A 144 0.21 16.03 -8.00
CA PRO A 144 1.16 16.93 -7.44
C PRO A 144 2.27 16.19 -6.69
N GLY A 145 3.41 16.85 -6.52
CA GLY A 145 4.48 16.34 -5.69
C GLY A 145 5.79 16.13 -6.40
N ALA A 146 6.84 16.05 -5.59
CA ALA A 146 8.14 15.53 -6.06
C ALA A 146 7.98 14.12 -6.60
N GLN A 147 8.73 13.75 -7.62
CA GLN A 147 8.62 12.42 -8.19
C GLN A 147 8.85 11.34 -7.13
N TYR A 148 9.83 11.52 -6.25
CA TYR A 148 10.04 10.64 -5.08
C TYR A 148 9.72 11.41 -3.87
N GLY A 149 8.90 10.87 -2.97
CA GLY A 149 8.51 11.54 -1.74
C GLY A 149 7.24 12.37 -1.86
N GLY A 150 6.87 12.77 -3.06
CA GLY A 150 5.58 13.40 -3.28
C GLY A 150 5.44 14.77 -2.71
N ILE A 151 4.26 15.09 -2.20
CA ILE A 151 3.94 16.45 -1.80
C ILE A 151 4.62 16.82 -0.52
N SER A 152 4.61 18.12 -0.20
CA SER A 152 5.29 18.66 0.99
C SER A 152 4.35 19.13 2.07
N SER A 153 3.15 19.57 1.69
CA SER A 153 2.23 20.13 2.65
C SER A 153 0.83 19.64 2.41
N ARG A 154 0.05 19.55 3.47
CA ARG A 154 -1.26 18.97 3.42
C ARG A 154 -2.22 19.73 2.51
N ASP A 155 -2.00 21.01 2.37
CA ASP A 155 -2.86 21.83 1.50
C ASP A 155 -2.83 21.34 0.06
N GLN A 156 -1.75 20.67 -0.34
CA GLN A 156 -1.65 20.15 -1.68
C GLN A 156 -2.65 18.99 -1.93
N CYS A 157 -3.18 18.40 -0.87
CA CYS A 157 -4.20 17.38 -1.03
C CYS A 157 -5.48 17.93 -1.69
N ASP A 158 -5.68 19.26 -1.61
CA ASP A 158 -6.81 19.89 -2.27
C ASP A 158 -6.79 19.77 -3.78
N SER A 159 -5.63 19.46 -4.36
CA SER A 159 -5.45 19.18 -5.75
C SER A 159 -5.69 17.74 -6.21
N PHE A 160 -5.97 16.85 -5.29
CA PHE A 160 -6.00 15.41 -5.60
C PHE A 160 -7.40 15.04 -6.07
N PRO A 161 -7.52 14.08 -7.01
CA PRO A 161 -8.82 13.51 -7.31
C PRO A 161 -9.53 13.10 -6.04
N ALA A 162 -10.83 13.35 -5.93
CA ALA A 162 -11.53 13.13 -4.72
C ALA A 162 -11.33 11.74 -4.09
N PRO A 163 -11.31 10.65 -4.91
CA PRO A 163 -11.17 9.34 -4.30
C PRO A 163 -9.84 9.13 -3.56
N LEU A 164 -8.83 9.87 -3.98
CA LEU A 164 -7.47 9.80 -3.40
C LEU A 164 -7.25 10.76 -2.26
N LYS A 165 -8.12 11.75 -2.10
CA LYS A 165 -7.85 12.85 -1.13
C LYS A 165 -7.78 12.38 0.32
N PRO A 166 -8.68 11.49 0.77
CA PRO A 166 -8.56 11.08 2.17
C PRO A 166 -7.24 10.37 2.49
N GLY A 167 -6.76 9.55 1.58
CA GLY A 167 -5.47 8.85 1.79
C GLY A 167 -4.31 9.80 1.78
N CYS A 168 -4.40 10.82 0.95
CA CYS A 168 -3.43 11.88 0.95
C CYS A 168 -3.34 12.61 2.28
N GLN A 169 -4.51 12.92 2.82
CA GLN A 169 -4.58 13.66 4.09
C GLN A 169 -4.12 12.82 5.25
N TRP A 170 -4.34 11.50 5.19
CA TRP A 170 -3.90 10.61 6.24
C TRP A 170 -2.39 10.75 6.51
N ARG A 171 -1.60 10.97 5.45
CA ARG A 171 -0.16 11.11 5.61
C ARG A 171 0.20 12.20 6.61
N PHE A 172 -0.58 13.28 6.57
CA PHE A 172 -0.34 14.42 7.47
C PHE A 172 -1.10 14.30 8.76
N ASP A 173 -2.21 13.62 8.74
CA ASP A 173 -3.15 13.62 9.88
C ASP A 173 -2.79 12.58 10.90
N TRP A 174 -2.72 11.32 10.49
CA TRP A 174 -2.36 10.21 11.38
C TRP A 174 -0.86 10.01 11.42
N PHE A 175 -0.25 9.98 10.24
CA PHE A 175 1.17 9.62 10.09
C PHE A 175 2.09 10.79 10.42
N GLN A 176 1.48 11.98 10.56
CA GLN A 176 2.22 13.18 11.04
C GLN A 176 3.42 13.52 10.17
N ASN A 177 3.25 13.25 8.88
CA ASN A 177 4.27 13.48 7.86
C ASN A 177 5.60 12.83 8.25
N ALA A 178 5.54 11.65 8.85
CA ALA A 178 6.77 10.97 9.21
C ALA A 178 7.60 10.69 7.97
N ASP A 179 8.90 10.85 8.09
CA ASP A 179 9.76 10.68 6.94
C ASP A 179 10.52 9.36 7.09
N ASN A 180 10.07 8.40 6.30
CA ASN A 180 10.70 7.10 6.24
C ASN A 180 10.99 6.46 7.63
N PRO A 181 10.01 6.40 8.53
CA PRO A 181 10.26 5.84 9.83
C PRO A 181 10.66 4.37 9.77
N THR A 182 11.50 3.95 10.69
CA THR A 182 11.79 2.54 10.87
C THR A 182 10.69 1.86 11.63
N PHE A 183 10.71 0.51 11.64
CA PHE A 183 9.72 -0.23 12.41
C PHE A 183 10.21 -1.64 12.68
N THR A 184 9.55 -2.30 13.59
CA THR A 184 9.56 -3.76 13.65
C THR A 184 8.22 -4.28 13.14
N PHE A 185 8.19 -5.51 12.66
CA PHE A 185 6.99 -6.06 12.08
C PHE A 185 6.78 -7.49 12.47
N GLN A 186 5.52 -7.89 12.44
CA GLN A 186 5.11 -9.28 12.62
C GLN A 186 4.05 -9.60 11.60
N GLN A 187 4.14 -10.74 10.93
CA GLN A 187 3.08 -11.19 10.03
C GLN A 187 1.88 -11.59 10.87
N VAL A 188 0.69 -11.19 10.48
CA VAL A 188 -0.54 -11.40 11.24
C VAL A 188 -1.65 -11.77 10.32
N GLN A 189 -2.73 -12.34 10.86
CA GLN A 189 -3.95 -12.48 10.11
C GLN A 189 -4.48 -11.16 9.61
N CYS A 190 -5.03 -11.09 8.39
CA CYS A 190 -5.50 -9.81 7.92
C CYS A 190 -6.80 -9.43 8.60
N PRO A 191 -6.92 -8.17 9.05
CA PRO A 191 -8.21 -7.70 9.48
C PRO A 191 -9.22 -7.76 8.35
N ALA A 192 -10.47 -8.07 8.65
CA ALA A 192 -11.49 -8.16 7.67
C ALA A 192 -11.69 -6.87 6.88
N GLU A 193 -11.51 -5.72 7.51
CA GLU A 193 -11.75 -4.43 6.87
C GLU A 193 -10.70 -4.17 5.76
N ILE A 194 -9.50 -4.74 5.93
CA ILE A 194 -8.46 -4.65 4.91
C ILE A 194 -8.77 -5.55 3.73
N VAL A 195 -9.15 -6.79 3.99
CA VAL A 195 -9.54 -7.69 2.94
C VAL A 195 -10.74 -7.20 2.17
N ALA A 196 -11.67 -6.53 2.83
CA ALA A 196 -12.83 -6.00 2.12
C ALA A 196 -12.41 -5.01 1.04
N ARG A 197 -11.34 -4.27 1.28
CA ARG A 197 -10.86 -3.29 0.30
C ARG A 197 -10.00 -3.85 -0.81
N SER A 198 -9.18 -4.85 -0.51
CA SER A 198 -8.33 -5.41 -1.56
C SER A 198 -9.01 -6.55 -2.27
N GLY A 199 -9.89 -7.26 -1.59
CA GLY A 199 -10.47 -8.48 -2.10
C GLY A 199 -9.68 -9.76 -1.94
N CYS A 200 -8.47 -9.68 -1.40
CA CYS A 200 -7.50 -10.77 -1.48
C CYS A 200 -7.13 -11.28 -0.13
N LYS A 201 -7.32 -12.57 0.11
CA LYS A 201 -6.90 -13.21 1.36
C LYS A 201 -6.09 -14.45 1.07
N ARG A 202 -4.95 -14.61 1.72
CA ARG A 202 -4.11 -15.75 1.48
C ARG A 202 -4.73 -17.03 2.04
N ASN A 203 -4.49 -18.12 1.34
CA ASN A 203 -4.89 -19.45 1.87
C ASN A 203 -4.21 -19.74 3.20
N ASP A 204 -3.05 -19.17 3.49
CA ASP A 204 -2.33 -19.41 4.73
C ASP A 204 -2.62 -18.37 5.82
N ASP A 205 -3.60 -17.50 5.59
CA ASP A 205 -3.80 -16.39 6.51
C ASP A 205 -3.91 -16.80 7.98
N SER A 206 -4.69 -17.86 8.22
CA SER A 206 -5.00 -18.23 9.61
C SER A 206 -3.81 -18.87 10.33
N SER A 207 -2.74 -19.16 9.60
CA SER A 207 -1.53 -19.72 10.20
C SER A 207 -0.71 -18.73 11.01
N PHE A 208 -1.10 -17.45 10.96
CA PHE A 208 -0.41 -16.38 11.67
C PHE A 208 -1.23 -15.92 12.87
N PRO A 209 -0.61 -15.17 13.81
CA PRO A 209 -1.39 -14.64 14.95
C PRO A 209 -2.42 -13.59 14.55
N VAL A 210 -3.53 -13.44 15.29
CA VAL A 210 -4.29 -12.17 15.32
C VAL A 210 -3.39 -11.05 15.87
N PHE A 211 -3.42 -9.81 15.31
CA PHE A 211 -2.46 -8.76 15.74
C PHE A 211 -2.86 -8.23 17.10
N THR A 212 -1.87 -7.75 17.85
CA THR A 212 -2.08 -7.18 19.18
C THR A 212 -2.41 -5.70 19.07
N PRO A 213 -3.69 -5.32 19.23
CA PRO A 213 -4.00 -3.87 19.33
C PRO A 213 -3.77 -3.30 20.72
#